data_3REC
# 
_entry.id   3REC 
# 
_audit_conform.dict_name       mmcif_pdbx.dic 
_audit_conform.dict_version    5.392 
_audit_conform.dict_location   http://mmcif.pdb.org/dictionaries/ascii/mmcif_pdbx.dic 
# 
loop_
_database_2.database_id 
_database_2.database_code 
_database_2.pdbx_database_accession 
_database_2.pdbx_DOI 
PDB   3REC         pdb_00003rec 10.2210/pdb3rec/pdb 
WWPDB D_1000179129 ?            ?                   
# 
loop_
_pdbx_audit_revision_history.ordinal 
_pdbx_audit_revision_history.data_content_type 
_pdbx_audit_revision_history.major_revision 
_pdbx_audit_revision_history.minor_revision 
_pdbx_audit_revision_history.revision_date 
1 'Structure model' 1 0 1997-10-22 
2 'Structure model' 1 1 2008-03-25 
3 'Structure model' 1 2 2011-07-13 
4 'Structure model' 1 3 2022-03-16 
5 'Structure model' 1 4 2024-05-22 
# 
_pdbx_audit_revision_details.ordinal             1 
_pdbx_audit_revision_details.revision_ordinal    1 
_pdbx_audit_revision_details.data_content_type   'Structure model' 
_pdbx_audit_revision_details.provider            repository 
_pdbx_audit_revision_details.type                'Initial release' 
_pdbx_audit_revision_details.description         ? 
_pdbx_audit_revision_details.details             ? 
# 
loop_
_pdbx_audit_revision_group.ordinal 
_pdbx_audit_revision_group.revision_ordinal 
_pdbx_audit_revision_group.data_content_type 
_pdbx_audit_revision_group.group 
1 2 'Structure model' 'Version format compliance' 
2 3 'Structure model' 'Version format compliance' 
3 4 'Structure model' 'Database references'       
4 4 'Structure model' 'Derived calculations'      
5 4 'Structure model' Other                       
6 5 'Structure model' 'Data collection'           
# 
loop_
_pdbx_audit_revision_category.ordinal 
_pdbx_audit_revision_category.revision_ordinal 
_pdbx_audit_revision_category.data_content_type 
_pdbx_audit_revision_category.category 
1 4 'Structure model' database_2            
2 4 'Structure model' pdbx_database_status  
3 4 'Structure model' pdbx_struct_assembly  
4 4 'Structure model' pdbx_struct_oper_list 
5 5 'Structure model' chem_comp_atom        
6 5 'Structure model' chem_comp_bond        
# 
loop_
_pdbx_audit_revision_item.ordinal 
_pdbx_audit_revision_item.revision_ordinal 
_pdbx_audit_revision_item.data_content_type 
_pdbx_audit_revision_item.item 
1 4 'Structure model' '_database_2.pdbx_DOI'                
2 4 'Structure model' '_database_2.pdbx_database_accession' 
3 4 'Structure model' '_pdbx_database_status.process_site'  
# 
_pdbx_database_status.status_code                     REL 
_pdbx_database_status.entry_id                        3REC 
_pdbx_database_status.recvd_initial_deposition_date   1997-04-17 
_pdbx_database_status.deposit_site                    ? 
_pdbx_database_status.process_site                    BNL 
_pdbx_database_status.SG_entry                        . 
_pdbx_database_status.pdb_format_compatible           Y 
_pdbx_database_status.status_code_mr                  ? 
_pdbx_database_status.status_code_sf                  ? 
_pdbx_database_status.status_code_cs                  ? 
_pdbx_database_status.status_code_nmr_data            ? 
_pdbx_database_status.methods_development_category    ? 
# 
_pdbx_database_related.db_name        PDB 
_pdbx_database_related.db_id          1EW1 
_pdbx_database_related.details        'ENSEMBLE OF 10 STRUCTURES' 
_pdbx_database_related.content_type   unspecified 
# 
loop_
_audit_author.name 
_audit_author.pdbx_ordinal 
'Nishinaka, T.' 1 
'Ito, Y.'       2 
'Yokoyama, S.'  3 
'Shibata, T.'   4 
# 
_citation.id                        primary 
_citation.title                     'An extended DNA structure through deoxyribose-base stacking induced by RecA protein.' 
_citation.journal_abbrev            Proc.Natl.Acad.Sci.USA 
_citation.journal_volume            94 
_citation.page_first                6623 
_citation.page_last                 6628 
_citation.year                      1997 
_citation.journal_id_ASTM           PNASA6 
_citation.country                   US 
_citation.journal_id_ISSN           0027-8424 
_citation.journal_id_CSD            0040 
_citation.book_publisher            ? 
_citation.pdbx_database_id_PubMed   9192615 
_citation.pdbx_database_id_DOI      10.1073/pnas.94.13.6623 
# 
loop_
_citation_author.citation_id 
_citation_author.name 
_citation_author.ordinal 
_citation_author.identifier_ORCID 
primary 'Nishinaka, T.' 1 ? 
primary 'Ito, Y.'       2 ? 
primary 'Yokoyama, S.'  3 ? 
primary 'Shibata, T.'   4 ? 
# 
_entity.id                         1 
_entity.type                       polymer 
_entity.src_method                 syn 
_entity.pdbx_description           
;DNA (5'-D(*TP*A)-3')
;
_entity.formula_weight             572.442 
_entity.pdbx_number_of_molecules   1 
_entity.pdbx_ec                    ? 
_entity.pdbx_mutation              ? 
_entity.pdbx_fragment              ? 
_entity.details                    'D(TA) REGION OF D(TACG) RECA PROTEIN-BOUND DNA' 
# 
_entity_poly.entity_id                      1 
_entity_poly.type                           polydeoxyribonucleotide 
_entity_poly.nstd_linkage                   no 
_entity_poly.nstd_monomer                   no 
_entity_poly.pdbx_seq_one_letter_code       '(DT)(DA)' 
_entity_poly.pdbx_seq_one_letter_code_can   TA 
_entity_poly.pdbx_strand_id                 A 
_entity_poly.pdbx_target_identifier         ? 
# 
loop_
_entity_poly_seq.entity_id 
_entity_poly_seq.num 
_entity_poly_seq.mon_id 
_entity_poly_seq.hetero 
1 1 DT n 
1 2 DA n 
# 
loop_
_chem_comp.id 
_chem_comp.type 
_chem_comp.mon_nstd_flag 
_chem_comp.name 
_chem_comp.pdbx_synonyms 
_chem_comp.formula 
_chem_comp.formula_weight 
DA 'DNA linking' y "2'-DEOXYADENOSINE-5'-MONOPHOSPHATE" ? 'C10 H14 N5 O6 P' 331.222 
DT 'DNA linking' y "THYMIDINE-5'-MONOPHOSPHATE"         ? 'C10 H15 N2 O8 P' 322.208 
# 
loop_
_pdbx_poly_seq_scheme.asym_id 
_pdbx_poly_seq_scheme.entity_id 
_pdbx_poly_seq_scheme.seq_id 
_pdbx_poly_seq_scheme.mon_id 
_pdbx_poly_seq_scheme.ndb_seq_num 
_pdbx_poly_seq_scheme.pdb_seq_num 
_pdbx_poly_seq_scheme.auth_seq_num 
_pdbx_poly_seq_scheme.pdb_mon_id 
_pdbx_poly_seq_scheme.auth_mon_id 
_pdbx_poly_seq_scheme.pdb_strand_id 
_pdbx_poly_seq_scheme.pdb_ins_code 
_pdbx_poly_seq_scheme.hetero 
A 1 1 DT 1 1 1 DT T A . n 
A 1 2 DA 2 2 2 DA A A . n 
# 
loop_
_software.name 
_software.classification 
_software.version 
_software.citation_id 
_software.pdbx_ordinal 
X-PLOR 'model building' 3.1 ? 1 
X-PLOR refinement       3.1 ? 2 
X-PLOR phasing          3.1 ? 3 
# 
_cell.entry_id           3REC 
_cell.length_a           1.000 
_cell.length_b           1.000 
_cell.length_c           1.000 
_cell.angle_alpha        90.00 
_cell.angle_beta         90.00 
_cell.angle_gamma        90.00 
_cell.Z_PDB              1 
_cell.pdbx_unique_axis   ? 
# 
_symmetry.entry_id                         3REC 
_symmetry.space_group_name_H-M             'P 1' 
_symmetry.pdbx_full_space_group_name_H-M   ? 
_symmetry.cell_setting                     ? 
_symmetry.Int_Tables_number                1 
# 
_exptl.entry_id          3REC 
_exptl.method            'SOLUTION NMR' 
_exptl.crystals_number   ? 
# 
_struct.entry_id                  3REC 
_struct.title                     'ESCHERICHIA COLI RECA PROTEIN-BOUND DNA, NMR, 1 STRUCTURE' 
_struct.pdbx_model_details        ? 
_struct.pdbx_CASP_flag            ? 
_struct.pdbx_model_type_details   ? 
# 
_struct_keywords.entry_id        3REC 
_struct_keywords.pdbx_keywords   DNA 
_struct_keywords.text            
'DEOXYRIBOSE-BASE STACKING, HOMOLOGOUS RECOMBINATION, HOMOLOGOUS PAIRING, DEOXYRIBONUCLEIC ACID, DNA' 
# 
_struct_asym.id                            A 
_struct_asym.pdbx_blank_PDB_chainid_flag   N 
_struct_asym.pdbx_modified                 N 
_struct_asym.entity_id                     1 
_struct_asym.details                       ? 
# 
_struct_ref.id                         1 
_struct_ref.entity_id                  1 
_struct_ref.db_name                    PDB 
_struct_ref.db_code                    3REC 
_struct_ref.pdbx_db_accession          3REC 
_struct_ref.pdbx_db_isoform            ? 
_struct_ref.pdbx_seq_one_letter_code   ? 
_struct_ref.pdbx_align_begin           ? 
# 
_struct_ref_seq.align_id                      1 
_struct_ref_seq.ref_id                        1 
_struct_ref_seq.pdbx_PDB_id_code              3REC 
_struct_ref_seq.pdbx_strand_id                A 
_struct_ref_seq.seq_align_beg                 1 
_struct_ref_seq.pdbx_seq_align_beg_ins_code   ? 
_struct_ref_seq.seq_align_end                 2 
_struct_ref_seq.pdbx_seq_align_end_ins_code   ? 
_struct_ref_seq.pdbx_db_accession             3REC 
_struct_ref_seq.db_align_beg                  1 
_struct_ref_seq.pdbx_db_align_beg_ins_code    ? 
_struct_ref_seq.db_align_end                  2 
_struct_ref_seq.pdbx_db_align_end_ins_code    ? 
_struct_ref_seq.pdbx_auth_seq_align_beg       1 
_struct_ref_seq.pdbx_auth_seq_align_end       2 
# 
_pdbx_struct_assembly.id                   1 
_pdbx_struct_assembly.details              author_defined_assembly 
_pdbx_struct_assembly.method_details       ? 
_pdbx_struct_assembly.oligomeric_details   monomeric 
_pdbx_struct_assembly.oligomeric_count     1 
# 
_pdbx_struct_assembly_gen.assembly_id       1 
_pdbx_struct_assembly_gen.oper_expression   1 
_pdbx_struct_assembly_gen.asym_id_list      A 
# 
_pdbx_struct_oper_list.id                   1 
_pdbx_struct_oper_list.type                 'identity operation' 
_pdbx_struct_oper_list.name                 1_555 
_pdbx_struct_oper_list.symmetry_operation   x,y,z 
_pdbx_struct_oper_list.matrix[1][1]         1.0000000000 
_pdbx_struct_oper_list.matrix[1][2]         0.0000000000 
_pdbx_struct_oper_list.matrix[1][3]         0.0000000000 
_pdbx_struct_oper_list.vector[1]            0.0000000000 
_pdbx_struct_oper_list.matrix[2][1]         0.0000000000 
_pdbx_struct_oper_list.matrix[2][2]         1.0000000000 
_pdbx_struct_oper_list.matrix[2][3]         0.0000000000 
_pdbx_struct_oper_list.vector[2]            0.0000000000 
_pdbx_struct_oper_list.matrix[3][1]         0.0000000000 
_pdbx_struct_oper_list.matrix[3][2]         0.0000000000 
_pdbx_struct_oper_list.matrix[3][3]         1.0000000000 
_pdbx_struct_oper_list.vector[3]            0.0000000000 
# 
_struct_biol.id   1 
# 
_pdbx_nmr_ensemble.entry_id                             3REC 
_pdbx_nmr_ensemble.conformers_calculated_total_number   100 
_pdbx_nmr_ensemble.conformers_submitted_total_number    1 
_pdbx_nmr_ensemble.conformer_selection_criteria         'LEAST OVERALL ENERGY' 
# 
_pdbx_nmr_exptl_sample_conditions.conditions_id       1 
_pdbx_nmr_exptl_sample_conditions.temperature         303 
_pdbx_nmr_exptl_sample_conditions.pressure            ? 
_pdbx_nmr_exptl_sample_conditions.pH                  7.1 
_pdbx_nmr_exptl_sample_conditions.ionic_strength      ? 
_pdbx_nmr_exptl_sample_conditions.pressure_units      . 
_pdbx_nmr_exptl_sample_conditions.temperature_units   K 
# 
_pdbx_nmr_exptl.experiment_id   1 
_pdbx_nmr_exptl.conditions_id   1 
_pdbx_nmr_exptl.type            'TRANSFERRED NOESY' 
_pdbx_nmr_exptl.solution_id     1 
# 
_pdbx_nmr_refine.entry_id           3REC 
_pdbx_nmr_refine.method             'simulated annealing' 
_pdbx_nmr_refine.details            'REFINEMENT DETAILS CAN BE FOUND IN THE MATERIAL AND METHODS SECTION OF THE ABOVE REFERENCE.' 
_pdbx_nmr_refine.software_ordinal   1 
# 
loop_
_pdbx_nmr_software.classification 
_pdbx_nmr_software.name 
_pdbx_nmr_software.version 
_pdbx_nmr_software.authors 
_pdbx_nmr_software.ordinal 
refinement           X-PLOR 3.1 BRUNGER 1 
'structure solution' X-PLOR ?   ?       2 
# 
loop_
_chem_comp_atom.comp_id 
_chem_comp_atom.atom_id 
_chem_comp_atom.type_symbol 
_chem_comp_atom.pdbx_aromatic_flag 
_chem_comp_atom.pdbx_stereo_config 
_chem_comp_atom.pdbx_ordinal 
DA OP3    O N N 1  
DA P      P N N 2  
DA OP1    O N N 3  
DA OP2    O N N 4  
DA "O5'"  O N N 5  
DA "C5'"  C N N 6  
DA "C4'"  C N R 7  
DA "O4'"  O N N 8  
DA "C3'"  C N S 9  
DA "O3'"  O N N 10 
DA "C2'"  C N N 11 
DA "C1'"  C N R 12 
DA N9     N Y N 13 
DA C8     C Y N 14 
DA N7     N Y N 15 
DA C5     C Y N 16 
DA C6     C Y N 17 
DA N6     N N N 18 
DA N1     N Y N 19 
DA C2     C Y N 20 
DA N3     N Y N 21 
DA C4     C Y N 22 
DA HOP3   H N N 23 
DA HOP2   H N N 24 
DA "H5'"  H N N 25 
DA "H5''" H N N 26 
DA "H4'"  H N N 27 
DA "H3'"  H N N 28 
DA "HO3'" H N N 29 
DA "H2'"  H N N 30 
DA "H2''" H N N 31 
DA "H1'"  H N N 32 
DA H8     H N N 33 
DA H61    H N N 34 
DA H62    H N N 35 
DA H2     H N N 36 
DT OP3    O N N 37 
DT P      P N N 38 
DT OP1    O N N 39 
DT OP2    O N N 40 
DT "O5'"  O N N 41 
DT "C5'"  C N N 42 
DT "C4'"  C N R 43 
DT "O4'"  O N N 44 
DT "C3'"  C N S 45 
DT "O3'"  O N N 46 
DT "C2'"  C N N 47 
DT "C1'"  C N R 48 
DT N1     N N N 49 
DT C2     C N N 50 
DT O2     O N N 51 
DT N3     N N N 52 
DT C4     C N N 53 
DT O4     O N N 54 
DT C5     C N N 55 
DT C7     C N N 56 
DT C6     C N N 57 
DT HOP3   H N N 58 
DT HOP2   H N N 59 
DT "H5'"  H N N 60 
DT "H5''" H N N 61 
DT "H4'"  H N N 62 
DT "H3'"  H N N 63 
DT "HO3'" H N N 64 
DT "H2'"  H N N 65 
DT "H2''" H N N 66 
DT "H1'"  H N N 67 
DT H3     H N N 68 
DT H71    H N N 69 
DT H72    H N N 70 
DT H73    H N N 71 
DT H6     H N N 72 
# 
loop_
_chem_comp_bond.comp_id 
_chem_comp_bond.atom_id_1 
_chem_comp_bond.atom_id_2 
_chem_comp_bond.value_order 
_chem_comp_bond.pdbx_aromatic_flag 
_chem_comp_bond.pdbx_stereo_config 
_chem_comp_bond.pdbx_ordinal 
DA OP3   P      sing N N 1  
DA OP3   HOP3   sing N N 2  
DA P     OP1    doub N N 3  
DA P     OP2    sing N N 4  
DA P     "O5'"  sing N N 5  
DA OP2   HOP2   sing N N 6  
DA "O5'" "C5'"  sing N N 7  
DA "C5'" "C4'"  sing N N 8  
DA "C5'" "H5'"  sing N N 9  
DA "C5'" "H5''" sing N N 10 
DA "C4'" "O4'"  sing N N 11 
DA "C4'" "C3'"  sing N N 12 
DA "C4'" "H4'"  sing N N 13 
DA "O4'" "C1'"  sing N N 14 
DA "C3'" "O3'"  sing N N 15 
DA "C3'" "C2'"  sing N N 16 
DA "C3'" "H3'"  sing N N 17 
DA "O3'" "HO3'" sing N N 18 
DA "C2'" "C1'"  sing N N 19 
DA "C2'" "H2'"  sing N N 20 
DA "C2'" "H2''" sing N N 21 
DA "C1'" N9     sing N N 22 
DA "C1'" "H1'"  sing N N 23 
DA N9    C8     sing Y N 24 
DA N9    C4     sing Y N 25 
DA C8    N7     doub Y N 26 
DA C8    H8     sing N N 27 
DA N7    C5     sing Y N 28 
DA C5    C6     sing Y N 29 
DA C5    C4     doub Y N 30 
DA C6    N6     sing N N 31 
DA C6    N1     doub Y N 32 
DA N6    H61    sing N N 33 
DA N6    H62    sing N N 34 
DA N1    C2     sing Y N 35 
DA C2    N3     doub Y N 36 
DA C2    H2     sing N N 37 
DA N3    C4     sing Y N 38 
DT OP3   P      sing N N 39 
DT OP3   HOP3   sing N N 40 
DT P     OP1    doub N N 41 
DT P     OP2    sing N N 42 
DT P     "O5'"  sing N N 43 
DT OP2   HOP2   sing N N 44 
DT "O5'" "C5'"  sing N N 45 
DT "C5'" "C4'"  sing N N 46 
DT "C5'" "H5'"  sing N N 47 
DT "C5'" "H5''" sing N N 48 
DT "C4'" "O4'"  sing N N 49 
DT "C4'" "C3'"  sing N N 50 
DT "C4'" "H4'"  sing N N 51 
DT "O4'" "C1'"  sing N N 52 
DT "C3'" "O3'"  sing N N 53 
DT "C3'" "C2'"  sing N N 54 
DT "C3'" "H3'"  sing N N 55 
DT "O3'" "HO3'" sing N N 56 
DT "C2'" "C1'"  sing N N 57 
DT "C2'" "H2'"  sing N N 58 
DT "C2'" "H2''" sing N N 59 
DT "C1'" N1     sing N N 60 
DT "C1'" "H1'"  sing N N 61 
DT N1    C2     sing N N 62 
DT N1    C6     sing N N 63 
DT C2    O2     doub N N 64 
DT C2    N3     sing N N 65 
DT N3    C4     sing N N 66 
DT N3    H3     sing N N 67 
DT C4    O4     doub N N 68 
DT C4    C5     sing N N 69 
DT C5    C7     sing N N 70 
DT C5    C6     doub N N 71 
DT C7    H71    sing N N 72 
DT C7    H72    sing N N 73 
DT C7    H73    sing N N 74 
DT C6    H6     sing N N 75 
# 
_pdbx_nmr_spectrometer.spectrometer_id   1 
_pdbx_nmr_spectrometer.model             AMX600 
_pdbx_nmr_spectrometer.manufacturer      Bruker 
_pdbx_nmr_spectrometer.field_strength    600 
# 
_atom_sites.entry_id                    3REC 
_atom_sites.fract_transf_matrix[1][1]   1.000000 
_atom_sites.fract_transf_matrix[1][2]   0.000000 
_atom_sites.fract_transf_matrix[1][3]   0.000000 
_atom_sites.fract_transf_matrix[2][1]   0.000000 
_atom_sites.fract_transf_matrix[2][2]   1.000000 
_atom_sites.fract_transf_matrix[2][3]   0.000000 
_atom_sites.fract_transf_matrix[3][1]   0.000000 
_atom_sites.fract_transf_matrix[3][2]   0.000000 
_atom_sites.fract_transf_matrix[3][3]   1.000000 
_atom_sites.fract_transf_vector[1]      0.00000 
_atom_sites.fract_transf_vector[2]      0.00000 
_atom_sites.fract_transf_vector[3]      0.00000 
# 
loop_
_atom_type.symbol 
C 
H 
N 
O 
P 
# 
loop_
_atom_site.group_PDB 
_atom_site.id 
_atom_site.type_symbol 
_atom_site.label_atom_id 
_atom_site.label_alt_id 
_atom_site.label_comp_id 
_atom_site.label_asym_id 
_atom_site.label_entity_id 
_atom_site.label_seq_id 
_atom_site.pdbx_PDB_ins_code 
_atom_site.Cartn_x 
_atom_site.Cartn_y 
_atom_site.Cartn_z 
_atom_site.occupancy 
_atom_site.B_iso_or_equiv 
_atom_site.pdbx_formal_charge 
_atom_site.auth_seq_id 
_atom_site.auth_comp_id 
_atom_site.auth_asym_id 
_atom_site.auth_atom_id 
_atom_site.pdbx_PDB_model_num 
ATOM 1  O "O5'"  . DT A 1 1 ? 2.526  2.847  -2.917 1.00 0.00 ? 1 DT A "O5'"  1 
ATOM 2  C "C5'"  . DT A 1 1 ? 2.509  1.636  -3.695 1.00 0.00 ? 1 DT A "C5'"  1 
ATOM 3  C "C4'"  . DT A 1 1 ? 2.312  0.438  -2.793 1.00 0.00 ? 1 DT A "C4'"  1 
ATOM 4  O "O4'"  . DT A 1 1 ? 2.928  0.708  -1.512 1.00 0.00 ? 1 DT A "O4'"  1 
ATOM 5  C "C3'"  . DT A 1 1 ? 0.846  0.123  -2.497 1.00 0.00 ? 1 DT A "C3'"  1 
ATOM 6  O "O3'"  . DT A 1 1 ? 0.676  -1.295 -2.351 1.00 0.00 ? 1 DT A "O3'"  1 
ATOM 7  C "C2'"  . DT A 1 1 ? 0.611  0.798  -1.161 1.00 0.00 ? 1 DT A "C2'"  1 
ATOM 8  C "C1'"  . DT A 1 1 ? 1.958  0.645  -0.477 1.00 0.00 ? 1 DT A "C1'"  1 
ATOM 9  N N1     . DT A 1 1 ? 2.263  1.707  0.497  1.00 0.00 ? 1 DT A N1     1 
ATOM 10 C C2     . DT A 1 1 ? 2.757  1.341  1.728  1.00 0.00 ? 1 DT A C2     1 
ATOM 11 O O2     . DT A 1 1 ? 2.953  0.180  2.048  1.00 0.00 ? 1 DT A O2     1 
ATOM 12 N N3     . DT A 1 1 ? 3.015  2.390  2.575  1.00 0.00 ? 1 DT A N3     1 
ATOM 13 C C4     . DT A 1 1 ? 2.833  3.736  2.319  1.00 0.00 ? 1 DT A C4     1 
ATOM 14 O O4     . DT A 1 1 ? 3.110  4.565  3.181  1.00 0.00 ? 1 DT A O4     1 
ATOM 15 C C5     . DT A 1 1 ? 2.312  4.047  1.008  1.00 0.00 ? 1 DT A C5     1 
ATOM 16 C C7     . DT A 1 1 ? 2.081  5.478  0.639  1.00 0.00 ? 1 DT A C7     1 
ATOM 17 C C6     . DT A 1 1 ? 2.056  3.031  0.174  1.00 0.00 ? 1 DT A C6     1 
ATOM 18 H "H5'"  . DT A 1 1 ? 3.456  1.535  -4.226 1.00 0.00 ? 1 DT A "H5'"  1 
ATOM 19 H "H5''" . DT A 1 1 ? 1.692  1.682  -4.416 1.00 0.00 ? 1 DT A "H5''" 1 
ATOM 20 H "H4'"  . DT A 1 1 ? 2.776  -0.440 -3.244 1.00 0.00 ? 1 DT A "H4'"  1 
ATOM 21 H "H3'"  . DT A 1 1 ? 0.194  0.539  -3.265 1.00 0.00 ? 1 DT A "H3'"  1 
ATOM 22 H "H2'"  . DT A 1 1 ? 0.353  1.848  -1.291 1.00 0.00 ? 1 DT A "H2'"  1 
ATOM 23 H "H2''" . DT A 1 1 ? -0.175 0.296  -0.599 1.00 0.00 ? 1 DT A "H2''" 1 
ATOM 24 H "H1'"  . DT A 1 1 ? 2.000  -0.329 0.011  1.00 0.00 ? 1 DT A "H1'"  1 
ATOM 25 H H3     . DT A 1 1 ? 3.378  2.152  3.487  1.00 0.00 ? 1 DT A H3     1 
ATOM 26 H H71    . DT A 1 1 ? 1.026  5.627  0.404  1.00 0.00 ? 1 DT A H71    1 
ATOM 27 H H72    . DT A 1 1 ? 2.686  5.732  -0.230 1.00 0.00 ? 1 DT A H72    1 
ATOM 28 H H73    . DT A 1 1 ? 2.360  6.119  1.476  1.00 0.00 ? 1 DT A H73    1 
ATOM 29 H H6     . DT A 1 1 ? 1.664  3.265  -0.815 1.00 0.00 ? 1 DT A H6     1 
ATOM 30 H "HO5'" . DT A 1 1 ? 1.681  2.907  -2.465 1.00 0.00 ? 1 DT A "HO5'" 1 
ATOM 31 P P      . DA A 1 2 ? -0.536 -2.033 -3.106 1.00 0.00 ? 2 DA A P      1 
ATOM 32 O OP1    . DA A 1 2 ? 0.052  -2.854 -4.194 1.00 0.00 ? 2 DA A OP1    1 
ATOM 33 O OP2    . DA A 1 2 ? -1.571 -1.019 -3.429 1.00 0.00 ? 2 DA A OP2    1 
ATOM 34 O "O5'"  . DA A 1 2 ? -1.130 -3.021 -2.006 1.00 0.00 ? 2 DA A "O5'"  1 
ATOM 35 C "C5'"  . DA A 1 2 ? -0.336 -4.097 -1.471 1.00 0.00 ? 2 DA A "C5'"  1 
ATOM 36 C "C4'"  . DA A 1 2 ? -0.771 -4.415 -0.059 1.00 0.00 ? 2 DA A "C4'"  1 
ATOM 37 O "O4'"  . DA A 1 2 ? -0.774 -3.195 0.717  1.00 0.00 ? 2 DA A "O4'"  1 
ATOM 38 C "C3'"  . DA A 1 2 ? -2.189 -4.979 0.036  1.00 0.00 ? 2 DA A "C3'"  1 
ATOM 39 O "O3'"  . DA A 1 2 ? -2.279 -5.933 1.098  1.00 0.00 ? 2 DA A "O3'"  1 
ATOM 40 C "C2'"  . DA A 1 2 ? -3.024 -3.753 0.352  1.00 0.00 ? 2 DA A "C2'"  1 
ATOM 41 C "C1'"  . DA A 1 2 ? -2.080 -2.927 1.207  1.00 0.00 ? 2 DA A "C1'"  1 
ATOM 42 N N9     . DA A 1 2 ? -2.305 -1.485 1.124  1.00 0.00 ? 2 DA A N9     1 
ATOM 43 C C8     . DA A 1 2 ? -2.708 -0.759 0.030  1.00 0.00 ? 2 DA A C8     1 
ATOM 44 N N7     . DA A 1 2 ? -2.825 0.526  0.263  1.00 0.00 ? 2 DA A N7     1 
ATOM 45 C C5     . DA A 1 2 ? -2.475 0.656  1.600  1.00 0.00 ? 2 DA A C5     1 
ATOM 46 C C6     . DA A 1 2 ? -2.345 1.777  2.439  1.00 0.00 ? 2 DA A C6     1 
ATOM 47 N N6     . DA A 1 2 ? -2.619 3.025  2.055  1.00 0.00 ? 2 DA A N6     1 
ATOM 48 N N1     . DA A 1 2 ? -1.919 1.568  3.703  1.00 0.00 ? 2 DA A N1     1 
ATOM 49 C C2     . DA A 1 2 ? -1.644 0.315  4.088  1.00 0.00 ? 2 DA A C2     1 
ATOM 50 N N3     . DA A 1 2 ? -1.727 -0.817 3.394  1.00 0.00 ? 2 DA A N3     1 
ATOM 51 C C4     . DA A 1 2 ? -2.153 -0.575 2.143  1.00 0.00 ? 2 DA A C4     1 
ATOM 52 H "H5'"  . DA A 1 2 ? 0.714  -3.802 -1.467 1.00 0.00 ? 2 DA A "H5'"  1 
ATOM 53 H "H5''" . DA A 1 2 ? -0.461 -4.982 -2.095 1.00 0.00 ? 2 DA A "H5''" 1 
ATOM 54 H "H4'"  . DA A 1 2 ? -0.079 -5.129 0.386  1.00 0.00 ? 2 DA A "H4'"  1 
ATOM 55 H "H3'"  . DA A 1 2 ? -2.496 -5.427 -0.908 1.00 0.00 ? 2 DA A "H3'"  1 
ATOM 56 H "HO3'" . DA A 1 2 ? -2.112 -5.464 1.918  1.00 0.00 ? 2 DA A "HO3'" 1 
ATOM 57 H "H2'"  . DA A 1 2 ? -3.300 -3.220 -0.557 1.00 0.00 ? 2 DA A "H2'"  1 
ATOM 58 H "H2''" . DA A 1 2 ? -3.923 -4.023 0.906  1.00 0.00 ? 2 DA A "H2''" 1 
ATOM 59 H "H1'"  . DA A 1 2 ? -2.162 -3.256 2.243  1.00 0.00 ? 2 DA A "H1'"  1 
ATOM 60 H H8     . DA A 1 2 ? -2.911 -1.208 -0.940 1.00 0.00 ? 2 DA A H8     1 
ATOM 61 H H61    . DA A 1 2 ? -2.503 3.790  2.704  1.00 0.00 ? 2 DA A H61    1 
ATOM 62 H H62    . DA A 1 2 ? -2.942 3.205  1.115  1.00 0.00 ? 2 DA A H62    1 
ATOM 63 H H2     . DA A 1 2 ? -1.305 0.208  5.115  1.00 0.00 ? 2 DA A H2     1 
# 
